data_9OPG
#
_entry.id   9OPG
#
_cell.length_a   166.052
_cell.length_b   54.811
_cell.length_c   119.595
_cell.angle_alpha   90.00
_cell.angle_beta   129.66
_cell.angle_gamma   90.00
#
_symmetry.space_group_name_H-M   'C 1 2 1'
#
loop_
_entity.id
_entity.type
_entity.pdbx_description
1 polymer "Bis(5'-nucleosyl)-tetraphosphatase [symmetrical]"
2 non-polymer "P1-(5'-Adenosyl) P4-(5'-uridyl) tetraphosphate"
3 non-polymer 'MANGANESE (II) ION'
4 non-polymer 'MAGNESIUM ION'
5 non-polymer '4-(2-HYDROXYETHYL)-1-PIPERAZINE ETHANESULFONIC ACID'
6 water water
#
_entity_poly.entity_id   1
_entity_poly.type   'polypeptide(L)'
_entity_poly.pdbx_seq_one_letter_code
;MATYLIGDVHGCYDELIALLHKVEFTPGKDTLWLTGDLVARGPGSLDVLRYVKSLGDSVRLVLGNHDLHLLAVFAGISRN
KPKDRLTPLLEAPDADELLNWLRRQPLLQIDEEKKLVMAHAGITPQWDLQTAKECARDVEAVLSSDSYPFFLDAMYGDMP
NNWSPELRGLGRLRFITNAFTRMRFCFPNGQLDMYSKESPEEAPAPLKPWFAIPGPVAEEYSIAFGHWASLEGKGTPEGI
YALDTGCCWGGTLTCLRWEDKQYFVQPSNRHKDLGEAAASHHHHHH
;
_entity_poly.pdbx_strand_id   A,B
#
loop_
_chem_comp.id
_chem_comp.type
_chem_comp.name
_chem_comp.formula
A1L89 non-polymer 'P1-(5'-Adenosyl) P4-(5'-uridyl) tetraphosphate' 'C19 H27 N7 O21 P4'
EPE non-polymer '4-(2-HYDROXYETHYL)-1-PIPERAZINE ETHANESULFONIC ACID' 'C8 H18 N2 O4 S'
MG non-polymer 'MAGNESIUM ION' 'Mg 2'
MN non-polymer 'MANGANESE (II) ION' 'Mn 2'
#
# COMPACT_ATOMS: atom_id res chain seq x y z
N ALA A 2 -34.79 -0.71 -14.85
CA ALA A 2 -33.46 -0.26 -15.25
C ALA A 2 -32.40 -1.11 -14.57
N THR A 3 -31.21 -1.18 -15.17
CA THR A 3 -30.08 -1.92 -14.63
C THR A 3 -29.00 -0.94 -14.28
N TYR A 4 -28.52 -0.96 -13.03
CA TYR A 4 -27.48 -0.07 -12.56
C TYR A 4 -26.29 -0.90 -12.08
N LEU A 5 -25.07 -0.45 -12.42
CA LEU A 5 -23.85 -1.12 -12.03
C LEU A 5 -23.01 -0.13 -11.24
N ILE A 6 -22.57 -0.50 -10.03
CA ILE A 6 -21.79 0.40 -9.18
C ILE A 6 -20.48 -0.28 -8.81
N GLY A 7 -19.40 0.50 -8.79
CA GLY A 7 -18.08 0.00 -8.46
C GLY A 7 -17.88 -0.17 -6.95
N ASP A 8 -16.62 -0.39 -6.55
CA ASP A 8 -16.30 -0.72 -5.15
C ASP A 8 -16.87 0.28 -4.17
N VAL A 9 -17.66 -0.20 -3.21
CA VAL A 9 -18.29 0.69 -2.24
C VAL A 9 -17.40 0.92 -1.02
N HIS A 10 -16.64 -0.09 -0.60
CA HIS A 10 -15.66 0.06 0.48
C HIS A 10 -16.22 0.80 1.68
N GLY A 11 -17.40 0.38 2.12
CA GLY A 11 -17.97 0.93 3.32
C GLY A 11 -18.49 2.34 3.20
N CYS A 12 -18.57 2.88 1.98
CA CYS A 12 -19.03 4.26 1.78
C CYS A 12 -20.55 4.23 1.63
N TYR A 13 -21.22 3.95 2.75
CA TYR A 13 -22.67 3.77 2.75
C TYR A 13 -23.39 5.06 2.35
N ASP A 14 -22.97 6.20 2.91
CA ASP A 14 -23.65 7.45 2.60
C ASP A 14 -23.60 7.75 1.11
N GLU A 15 -22.42 7.54 0.49
CA GLU A 15 -22.31 7.80 -0.94
C GLU A 15 -23.13 6.81 -1.75
N LEU A 16 -23.16 5.54 -1.33
CA LEU A 16 -23.97 4.56 -2.04
C LEU A 16 -25.43 4.96 -2.05
N ILE A 17 -25.95 5.32 -0.89
CA ILE A 17 -27.38 5.65 -0.84
C ILE A 17 -27.66 6.93 -1.62
N ALA A 18 -26.79 7.94 -1.52
CA ALA A 18 -27.01 9.17 -2.26
C ALA A 18 -27.00 8.91 -3.76
N LEU A 19 -26.10 8.05 -4.22
CA LEU A 19 -26.06 7.70 -5.64
C LEU A 19 -27.33 6.96 -6.06
N LEU A 20 -27.79 6.01 -5.25
CA LEU A 20 -29.01 5.28 -5.60
C LEU A 20 -30.23 6.20 -5.60
N HIS A 21 -30.28 7.17 -4.70
CA HIS A 21 -31.38 8.14 -4.73
C HIS A 21 -31.29 9.04 -5.94
N LYS A 22 -30.07 9.35 -6.38
CA LYS A 22 -29.89 10.15 -7.59
C LYS A 22 -30.54 9.49 -8.80
N VAL A 23 -30.42 8.17 -8.93
CA VAL A 23 -31.03 7.45 -10.05
C VAL A 23 -32.43 6.93 -9.74
N GLU A 24 -32.97 7.22 -8.56
CA GLU A 24 -34.26 6.71 -8.11
C GLU A 24 -34.33 5.19 -8.22
N PHE A 25 -33.30 4.53 -7.69
CA PHE A 25 -33.25 3.08 -7.71
C PHE A 25 -34.46 2.51 -6.98
N THR A 26 -35.21 1.65 -7.67
CA THR A 26 -36.47 1.11 -7.16
C THR A 26 -36.44 -0.41 -7.24
N PRO A 27 -36.13 -1.10 -6.14
CA PRO A 27 -36.15 -2.57 -6.15
C PRO A 27 -37.51 -3.06 -6.62
N GLY A 28 -37.50 -4.12 -7.42
CA GLY A 28 -38.70 -4.63 -8.04
C GLY A 28 -38.95 -4.09 -9.43
N LYS A 29 -38.45 -2.89 -9.73
CA LYS A 29 -38.39 -2.39 -11.11
C LYS A 29 -36.99 -2.35 -11.66
N ASP A 30 -35.99 -2.23 -10.78
CA ASP A 30 -34.59 -2.04 -11.15
C ASP A 30 -33.76 -3.16 -10.53
N THR A 31 -32.60 -3.41 -11.13
CA THR A 31 -31.65 -4.37 -10.58
C THR A 31 -30.30 -3.68 -10.43
N LEU A 32 -29.62 -3.91 -9.32
CA LEU A 32 -28.33 -3.30 -9.06
C LEU A 32 -27.25 -4.37 -9.15
N TRP A 33 -26.20 -4.12 -9.92
CA TRP A 33 -25.01 -4.96 -9.97
C TRP A 33 -23.91 -4.27 -9.16
N LEU A 34 -23.24 -5.00 -8.28
CA LEU A 34 -22.14 -4.43 -7.49
C LEU A 34 -20.87 -5.22 -7.75
N THR A 35 -19.75 -4.51 -8.01
CA THR A 35 -18.47 -5.13 -8.37
C THR A 35 -17.72 -5.73 -7.18
N GLY A 36 -18.30 -5.74 -5.98
CA GLY A 36 -17.59 -6.28 -4.83
C GLY A 36 -16.74 -5.25 -4.12
N ASP A 37 -15.97 -5.73 -3.13
CA ASP A 37 -15.31 -4.82 -2.18
C ASP A 37 -16.36 -3.90 -1.55
N LEU A 38 -17.40 -4.53 -1.01
CA LEU A 38 -18.45 -3.80 -0.29
C LEU A 38 -17.93 -3.17 0.98
N VAL A 39 -16.85 -3.72 1.54
CA VAL A 39 -16.45 -3.45 2.90
C VAL A 39 -15.02 -2.93 2.90
N ALA A 40 -14.62 -2.41 4.05
CA ALA A 40 -13.28 -1.97 4.44
C ALA A 40 -12.97 -0.55 3.98
N ARG A 41 -12.19 0.13 4.83
CA ARG A 41 -11.67 1.49 4.70
C ARG A 41 -12.71 2.55 4.98
N GLY A 42 -13.85 2.54 4.28
CA GLY A 42 -14.91 3.47 4.60
C GLY A 42 -15.50 3.12 5.94
N PRO A 43 -16.34 3.99 6.48
CA PRO A 43 -16.79 3.81 7.87
C PRO A 43 -17.99 2.90 8.04
N GLY A 44 -18.69 2.63 6.94
CA GLY A 44 -19.99 1.99 7.06
C GLY A 44 -20.13 0.60 6.49
N SER A 45 -19.11 -0.25 6.64
CA SER A 45 -19.21 -1.61 6.12
C SER A 45 -20.44 -2.35 6.65
N LEU A 46 -20.78 -2.12 7.93
CA LEU A 46 -21.92 -2.84 8.52
C LEU A 46 -23.21 -2.44 7.83
N ASP A 47 -23.42 -1.14 7.63
CA ASP A 47 -24.65 -0.68 6.98
C ASP A 47 -24.68 -1.13 5.53
N VAL A 48 -23.52 -1.10 4.84
CA VAL A 48 -23.50 -1.57 3.45
C VAL A 48 -23.96 -3.01 3.38
N LEU A 49 -23.40 -3.88 4.23
CA LEU A 49 -23.78 -5.29 4.11
C LEU A 49 -25.25 -5.49 4.47
N ARG A 50 -25.74 -4.80 5.50
CA ARG A 50 -27.16 -4.93 5.84
C ARG A 50 -28.05 -4.56 4.66
N TYR A 51 -27.76 -3.40 4.05
CA TYR A 51 -28.59 -2.94 2.93
C TYR A 51 -28.51 -3.90 1.74
N VAL A 52 -27.29 -4.26 1.33
CA VAL A 52 -27.14 -5.09 0.14
C VAL A 52 -27.81 -6.44 0.33
N LYS A 53 -27.63 -7.05 1.51
CA LYS A 53 -28.33 -8.32 1.77
C LYS A 53 -29.85 -8.14 1.67
N SER A 54 -30.37 -7.03 2.21
CA SER A 54 -31.81 -6.82 2.16
C SER A 54 -32.37 -6.71 0.74
N LEU A 55 -31.53 -6.35 -0.24
CA LEU A 55 -32.03 -6.23 -1.61
C LEU A 55 -32.43 -7.57 -2.26
N GLY A 56 -31.89 -8.68 -1.80
CA GLY A 56 -32.34 -9.96 -2.34
C GLY A 56 -32.11 -10.05 -3.85
N ASP A 57 -33.16 -10.45 -4.57
CA ASP A 57 -33.07 -10.64 -6.01
C ASP A 57 -32.86 -9.34 -6.78
N SER A 58 -32.98 -8.19 -6.11
CA SER A 58 -32.76 -6.92 -6.78
C SER A 58 -31.28 -6.53 -6.84
N VAL A 59 -30.39 -7.37 -6.31
CA VAL A 59 -28.96 -7.12 -6.42
C VAL A 59 -28.25 -8.36 -6.95
N ARG A 60 -27.24 -8.13 -7.78
CA ARG A 60 -26.33 -9.14 -8.29
C ARG A 60 -24.94 -8.71 -7.89
N LEU A 61 -24.39 -9.40 -6.91
CA LEU A 61 -23.09 -9.06 -6.33
C LEU A 61 -22.04 -10.03 -6.87
N VAL A 62 -20.79 -9.57 -6.97
CA VAL A 62 -19.65 -10.48 -7.04
C VAL A 62 -18.74 -10.15 -5.87
N LEU A 63 -18.06 -11.17 -5.33
CA LEU A 63 -17.17 -10.95 -4.20
C LEU A 63 -15.81 -10.42 -4.64
N GLY A 64 -15.28 -9.46 -3.88
CA GLY A 64 -13.97 -8.88 -4.12
C GLY A 64 -12.95 -9.32 -3.07
N ASN A 65 -11.71 -8.86 -3.27
CA ASN A 65 -10.65 -9.33 -2.39
C ASN A 65 -10.84 -8.87 -0.94
N HIS A 66 -11.43 -7.69 -0.74
CA HIS A 66 -11.68 -7.24 0.63
C HIS A 66 -12.86 -7.97 1.27
N ASP A 67 -13.85 -8.37 0.49
CA ASP A 67 -14.92 -9.20 1.05
C ASP A 67 -14.35 -10.52 1.55
N LEU A 68 -13.49 -11.15 0.74
CA LEU A 68 -12.85 -12.40 1.16
C LEU A 68 -11.96 -12.18 2.37
N HIS A 69 -11.23 -11.07 2.42
CA HIS A 69 -10.41 -10.82 3.59
C HIS A 69 -11.26 -10.67 4.85
N LEU A 70 -12.39 -9.95 4.74
CA LEU A 70 -13.31 -9.86 5.89
C LEU A 70 -13.72 -11.25 6.36
N LEU A 71 -14.07 -12.12 5.42
CA LEU A 71 -14.47 -13.47 5.81
C LEU A 71 -13.32 -14.18 6.53
N ALA A 72 -12.09 -13.95 6.07
CA ALA A 72 -10.95 -14.58 6.72
C ALA A 72 -10.76 -14.05 8.14
N VAL A 73 -10.97 -12.75 8.33
CA VAL A 73 -10.86 -12.18 9.69
C VAL A 73 -11.95 -12.76 10.58
N PHE A 74 -13.17 -12.83 10.07
CA PHE A 74 -14.30 -13.37 10.84
C PHE A 74 -14.04 -14.80 11.28
N ALA A 75 -13.45 -15.61 10.41
CA ALA A 75 -13.18 -17.01 10.69
C ALA A 75 -11.92 -17.22 11.52
N GLY A 76 -11.22 -16.15 11.92
CA GLY A 76 -10.01 -16.31 12.72
C GLY A 76 -8.79 -16.70 11.92
N ILE A 77 -8.85 -16.61 10.60
CA ILE A 77 -7.75 -16.99 9.72
C ILE A 77 -6.73 -15.86 9.58
N SER A 78 -7.20 -14.62 9.55
CA SER A 78 -6.36 -13.48 9.24
C SER A 78 -6.52 -12.40 10.30
N ARG A 79 -5.52 -11.54 10.40
CA ARG A 79 -5.53 -10.51 11.43
C ARG A 79 -6.33 -9.31 10.96
N ASN A 80 -7.05 -8.71 11.89
CA ASN A 80 -7.85 -7.51 11.62
C ASN A 80 -6.94 -6.30 11.55
N LYS A 81 -6.95 -5.60 10.43
CA LYS A 81 -6.14 -4.39 10.31
C LYS A 81 -6.96 -3.19 10.72
N PRO A 82 -6.48 -2.36 11.65
CA PRO A 82 -7.30 -1.21 12.10
C PRO A 82 -7.78 -0.35 10.96
N LYS A 83 -6.94 -0.12 9.94
CA LYS A 83 -7.34 0.79 8.86
C LYS A 83 -8.56 0.29 8.07
N ASP A 84 -8.87 -1.01 8.11
CA ASP A 84 -10.05 -1.50 7.39
C ASP A 84 -11.36 -1.13 8.07
N ARG A 85 -11.34 -0.79 9.36
CA ARG A 85 -12.54 -0.33 10.06
C ARG A 85 -13.66 -1.36 10.02
N LEU A 86 -13.29 -2.62 10.20
CA LEU A 86 -14.25 -3.72 10.19
C LEU A 86 -14.82 -4.06 11.55
N THR A 87 -14.35 -3.44 12.64
CA THR A 87 -14.78 -3.93 13.95
C THR A 87 -16.29 -3.78 14.21
N PRO A 88 -16.98 -2.68 13.86
CA PRO A 88 -18.43 -2.66 14.10
C PRO A 88 -19.17 -3.78 13.41
N LEU A 89 -18.78 -4.12 12.17
CA LEU A 89 -19.39 -5.25 11.48
C LEU A 89 -19.06 -6.56 12.20
N LEU A 90 -17.79 -6.77 12.55
CA LEU A 90 -17.39 -8.02 13.19
C LEU A 90 -18.06 -8.20 14.55
N GLU A 91 -18.36 -7.12 15.25
CA GLU A 91 -18.97 -7.21 16.58
C GLU A 91 -20.49 -7.08 16.54
N ALA A 92 -21.08 -6.94 15.36
CA ALA A 92 -22.51 -6.73 15.27
C ALA A 92 -23.25 -8.00 15.69
N PRO A 93 -24.43 -7.86 16.28
CA PRO A 93 -25.18 -9.07 16.67
C PRO A 93 -25.63 -9.89 15.48
N ASP A 94 -25.76 -9.27 14.31
CA ASP A 94 -26.14 -10.00 13.10
C ASP A 94 -24.93 -10.37 12.23
N ALA A 95 -23.71 -10.34 12.79
CA ALA A 95 -22.52 -10.64 11.98
C ALA A 95 -22.62 -12.03 11.35
N ASP A 96 -23.06 -13.04 12.11
CA ASP A 96 -23.18 -14.38 11.53
C ASP A 96 -24.11 -14.38 10.32
N GLU A 97 -25.31 -13.79 10.46
CA GLU A 97 -26.28 -13.75 9.36
C GLU A 97 -25.67 -13.06 8.14
N LEU A 98 -25.04 -11.90 8.35
CA LEU A 98 -24.51 -11.11 7.24
C LEU A 98 -23.37 -11.83 6.54
N LEU A 99 -22.45 -12.41 7.32
CA LEU A 99 -21.26 -12.99 6.71
C LEU A 99 -21.55 -14.38 6.14
N ASN A 100 -22.45 -15.15 6.74
CA ASN A 100 -22.85 -16.39 6.08
C ASN A 100 -23.60 -16.10 4.79
N TRP A 101 -24.34 -14.99 4.72
CA TRP A 101 -24.91 -14.58 3.44
C TRP A 101 -23.79 -14.21 2.46
N LEU A 102 -22.82 -13.41 2.93
CA LEU A 102 -21.79 -12.89 2.03
C LEU A 102 -20.99 -14.02 1.39
N ARG A 103 -20.64 -15.03 2.18
CA ARG A 103 -19.80 -16.10 1.64
C ARG A 103 -20.53 -16.99 0.64
N ARG A 104 -21.86 -16.90 0.55
CA ARG A 104 -22.65 -17.63 -0.43
C ARG A 104 -22.82 -16.85 -1.74
N GLN A 105 -22.24 -15.65 -1.87
CA GLN A 105 -22.50 -14.92 -3.10
C GLN A 105 -21.50 -15.26 -4.19
N PRO A 106 -21.84 -15.01 -5.44
CA PRO A 106 -20.98 -15.47 -6.54
C PRO A 106 -19.68 -14.68 -6.69
N LEU A 107 -18.75 -15.31 -7.40
CA LEU A 107 -17.59 -14.60 -7.91
C LEU A 107 -17.79 -14.05 -9.31
N LEU A 108 -18.87 -14.47 -9.97
CA LEU A 108 -19.07 -14.17 -11.38
C LEU A 108 -20.56 -14.02 -11.64
N GLN A 109 -20.95 -12.97 -12.35
CA GLN A 109 -22.34 -12.80 -12.77
C GLN A 109 -22.38 -12.73 -14.29
N ILE A 110 -23.34 -13.45 -14.90
CA ILE A 110 -23.51 -13.43 -16.35
C ILE A 110 -24.98 -13.17 -16.68
N ASP A 111 -25.22 -12.23 -17.58
CA ASP A 111 -26.54 -11.96 -18.13
C ASP A 111 -26.43 -12.14 -19.63
N GLU A 112 -26.98 -13.26 -20.15
CA GLU A 112 -26.82 -13.56 -21.56
C GLU A 112 -27.62 -12.61 -22.44
N GLU A 113 -28.78 -12.15 -21.97
CA GLU A 113 -29.60 -11.25 -22.78
C GLU A 113 -28.92 -9.90 -22.95
N LYS A 114 -28.14 -9.47 -21.96
CA LYS A 114 -27.37 -8.24 -22.06
C LYS A 114 -25.97 -8.48 -22.60
N LYS A 115 -25.58 -9.74 -22.81
CA LYS A 115 -24.21 -10.10 -23.17
C LYS A 115 -23.25 -9.38 -22.23
N LEU A 116 -23.49 -9.56 -20.93
CA LEU A 116 -22.77 -8.81 -19.92
C LEU A 116 -22.24 -9.78 -18.87
N VAL A 117 -20.94 -9.64 -18.58
CA VAL A 117 -20.26 -10.41 -17.55
C VAL A 117 -19.70 -9.44 -16.52
N MET A 118 -19.79 -9.81 -15.24
CA MET A 118 -19.16 -9.05 -14.15
C MET A 118 -18.33 -9.98 -13.27
N ALA A 119 -17.13 -9.51 -12.90
CA ALA A 119 -16.34 -10.11 -11.82
C ALA A 119 -15.57 -8.97 -11.17
N HIS A 120 -15.03 -9.22 -9.98
CA HIS A 120 -14.41 -8.10 -9.26
C HIS A 120 -13.26 -7.48 -10.05
N ALA A 121 -12.32 -8.31 -10.48
CA ALA A 121 -11.13 -7.82 -11.17
C ALA A 121 -11.23 -7.93 -12.69
N GLY A 122 -12.23 -8.63 -13.20
CA GLY A 122 -12.36 -8.85 -14.63
C GLY A 122 -12.24 -10.32 -14.98
N ILE A 123 -11.96 -10.62 -16.25
CA ILE A 123 -11.86 -11.99 -16.73
C ILE A 123 -10.50 -12.15 -17.39
N THR A 124 -9.66 -13.03 -16.83
CA THR A 124 -8.36 -13.22 -17.43
C THR A 124 -8.49 -13.66 -18.89
N PRO A 125 -7.65 -13.14 -19.78
CA PRO A 125 -7.71 -13.58 -21.18
C PRO A 125 -7.39 -15.05 -21.38
N GLN A 126 -6.87 -15.74 -20.36
CA GLN A 126 -6.58 -17.17 -20.48
C GLN A 126 -7.81 -18.03 -20.29
N TRP A 127 -8.96 -17.44 -19.97
CA TRP A 127 -10.20 -18.15 -19.74
C TRP A 127 -11.20 -17.90 -20.87
N ASP A 128 -11.84 -18.97 -21.34
CA ASP A 128 -13.08 -18.81 -22.08
C ASP A 128 -14.23 -18.81 -21.07
N LEU A 129 -15.45 -18.58 -21.56
CA LEU A 129 -16.58 -18.44 -20.64
C LEU A 129 -16.86 -19.72 -19.86
N GLN A 130 -16.81 -20.87 -20.54
CA GLN A 130 -17.08 -22.13 -19.86
C GLN A 130 -16.10 -22.35 -18.71
N THR A 131 -14.83 -22.03 -18.93
CA THR A 131 -13.83 -22.21 -17.88
C THR A 131 -14.06 -21.22 -16.75
N ALA A 132 -14.34 -19.96 -17.08
CA ALA A 132 -14.66 -18.99 -16.03
C ALA A 132 -15.82 -19.48 -15.17
N LYS A 133 -16.87 -20.02 -15.81
CA LYS A 133 -18.02 -20.49 -15.05
C LYS A 133 -17.64 -21.65 -14.13
N GLU A 134 -16.89 -22.61 -14.66
CA GLU A 134 -16.49 -23.75 -13.85
C GLU A 134 -15.63 -23.33 -12.67
N CYS A 135 -14.68 -22.41 -12.91
CA CYS A 135 -13.79 -21.98 -11.83
C CYS A 135 -14.56 -21.20 -10.77
N ALA A 136 -15.45 -20.31 -11.20
CA ALA A 136 -16.30 -19.63 -10.22
C ALA A 136 -17.09 -20.64 -9.42
N ARG A 137 -17.68 -21.65 -10.07
CA ARG A 137 -18.47 -22.63 -9.33
C ARG A 137 -17.63 -23.36 -8.28
N ASP A 138 -16.40 -23.72 -8.64
CA ASP A 138 -15.53 -24.46 -7.71
C ASP A 138 -15.21 -23.64 -6.47
N VAL A 139 -14.86 -22.35 -6.65
CA VAL A 139 -14.53 -21.56 -5.47
C VAL A 139 -15.79 -21.21 -4.68
N GLU A 140 -16.89 -20.89 -5.37
CA GLU A 140 -18.15 -20.66 -4.65
C GLU A 140 -18.55 -21.88 -3.83
N ALA A 141 -18.28 -23.07 -4.36
CA ALA A 141 -18.62 -24.28 -3.61
C ALA A 141 -17.82 -24.36 -2.32
N VAL A 142 -16.52 -24.05 -2.36
CA VAL A 142 -15.77 -24.12 -1.10
C VAL A 142 -16.19 -22.99 -0.15
N LEU A 143 -16.48 -21.80 -0.67
CA LEU A 143 -16.84 -20.69 0.21
C LEU A 143 -18.19 -20.90 0.88
N SER A 144 -19.10 -21.59 0.21
CA SER A 144 -20.43 -21.82 0.75
CA SER A 144 -20.45 -21.86 0.71
C SER A 144 -20.50 -23.07 1.63
N SER A 145 -19.42 -23.81 1.77
CA SER A 145 -19.42 -25.04 2.53
C SER A 145 -19.09 -24.78 4.00
N ASP A 146 -19.37 -25.80 4.82
CA ASP A 146 -19.07 -25.71 6.24
C ASP A 146 -17.58 -25.55 6.49
N SER A 147 -16.76 -25.96 5.53
CA SER A 147 -15.32 -25.97 5.68
C SER A 147 -14.65 -24.74 5.06
N TYR A 148 -15.38 -23.65 4.88
CA TYR A 148 -14.80 -22.51 4.19
C TYR A 148 -13.56 -21.91 4.88
N PRO A 149 -13.36 -21.97 6.21
CA PRO A 149 -12.13 -21.38 6.76
C PRO A 149 -10.86 -22.04 6.23
N PHE A 150 -10.89 -23.34 5.93
CA PHE A 150 -9.72 -23.98 5.34
C PHE A 150 -9.37 -23.36 3.99
N PHE A 151 -10.39 -23.13 3.14
CA PHE A 151 -10.09 -22.48 1.86
C PHE A 151 -9.58 -21.06 2.08
N LEU A 152 -10.23 -20.30 2.96
CA LEU A 152 -9.77 -18.93 3.19
C LEU A 152 -8.30 -18.92 3.58
N ASP A 153 -7.87 -19.89 4.37
CA ASP A 153 -6.46 -19.93 4.73
C ASP A 153 -5.61 -20.28 3.53
N ALA A 154 -6.11 -21.18 2.68
CA ALA A 154 -5.33 -21.59 1.52
C ALA A 154 -5.24 -20.50 0.45
N MET A 155 -6.20 -19.57 0.41
CA MET A 155 -6.28 -18.64 -0.71
C MET A 155 -5.13 -17.66 -0.78
N TYR A 156 -4.44 -17.40 0.32
CA TYR A 156 -3.35 -16.43 0.27
C TYR A 156 -2.17 -17.02 -0.50
N GLY A 157 -1.58 -16.22 -1.36
CA GLY A 157 -0.48 -16.66 -2.19
C GLY A 157 -0.50 -15.98 -3.56
N ASP A 158 0.67 -15.92 -4.19
CA ASP A 158 0.80 -15.26 -5.47
C ASP A 158 1.07 -16.21 -6.63
N MET A 159 1.21 -17.51 -6.38
CA MET A 159 1.45 -18.50 -7.41
C MET A 159 0.48 -19.66 -7.26
N PRO A 160 0.18 -20.38 -8.35
CA PRO A 160 0.69 -20.20 -9.73
C PRO A 160 0.03 -19.01 -10.39
N ASN A 161 0.64 -18.43 -11.42
CA ASN A 161 0.10 -17.24 -12.07
C ASN A 161 -0.24 -17.50 -13.52
N ASN A 162 -0.19 -18.75 -13.95
CA ASN A 162 -0.51 -19.15 -15.31
C ASN A 162 -1.59 -20.23 -15.28
N TRP A 163 -2.68 -19.99 -16.00
CA TRP A 163 -3.75 -20.98 -16.04
C TRP A 163 -3.39 -22.19 -16.89
N SER A 164 -3.80 -23.37 -16.41
CA SER A 164 -3.83 -24.59 -17.18
C SER A 164 -4.98 -25.44 -16.69
N PRO A 165 -5.72 -26.10 -17.60
CA PRO A 165 -6.74 -27.06 -17.15
C PRO A 165 -6.17 -28.18 -16.30
N GLU A 166 -4.85 -28.37 -16.31
CA GLU A 166 -4.20 -29.39 -15.50
C GLU A 166 -3.93 -28.95 -14.07
N LEU A 167 -4.14 -27.69 -13.74
CA LEU A 167 -3.94 -27.25 -12.37
C LEU A 167 -4.83 -28.05 -11.43
N ARG A 168 -4.31 -28.34 -10.24
CA ARG A 168 -5.06 -29.12 -9.27
C ARG A 168 -4.85 -28.54 -7.88
N GLY A 169 -5.81 -28.82 -6.99
CA GLY A 169 -5.59 -28.56 -5.58
C GLY A 169 -5.40 -27.10 -5.22
N LEU A 170 -4.48 -26.88 -4.29
CA LEU A 170 -4.30 -25.55 -3.72
C LEU A 170 -3.95 -24.53 -4.79
N GLY A 171 -3.06 -24.90 -5.71
CA GLY A 171 -2.65 -23.96 -6.74
C GLY A 171 -3.80 -23.58 -7.66
N ARG A 172 -4.66 -24.55 -7.99
CA ARG A 172 -5.82 -24.25 -8.82
C ARG A 172 -6.74 -23.24 -8.14
N LEU A 173 -7.08 -23.47 -6.87
CA LEU A 173 -7.93 -22.50 -6.15
C LEU A 173 -7.27 -21.15 -5.96
N ARG A 174 -5.97 -21.12 -5.67
CA ARG A 174 -5.28 -19.85 -5.52
C ARG A 174 -5.30 -19.06 -6.82
N PHE A 175 -5.01 -19.73 -7.95
CA PHE A 175 -5.07 -19.03 -9.23
C PHE A 175 -6.47 -18.48 -9.48
N ILE A 176 -7.50 -19.31 -9.29
CA ILE A 176 -8.86 -18.85 -9.57
C ILE A 176 -9.18 -17.62 -8.73
N THR A 177 -8.85 -17.66 -7.44
CA THR A 177 -9.12 -16.54 -6.54
C THR A 177 -8.38 -15.29 -6.99
N ASN A 178 -7.11 -15.46 -7.38
CA ASN A 178 -6.33 -14.30 -7.80
C ASN A 178 -6.86 -13.71 -9.10
N ALA A 179 -7.26 -14.56 -10.04
CA ALA A 179 -7.77 -14.09 -11.32
C ALA A 179 -9.05 -13.30 -11.15
N PHE A 180 -9.95 -13.79 -10.29
CA PHE A 180 -11.24 -13.08 -10.13
C PHE A 180 -11.13 -11.85 -9.23
N THR A 181 -10.23 -11.87 -8.23
CA THR A 181 -10.30 -10.81 -7.22
C THR A 181 -9.05 -9.97 -7.06
N ARG A 182 -7.94 -10.28 -7.74
CA ARG A 182 -6.73 -9.49 -7.57
C ARG A 182 -6.08 -9.04 -8.87
N MET A 183 -6.45 -9.63 -10.00
CA MET A 183 -5.81 -9.34 -11.29
C MET A 183 -5.88 -7.87 -11.68
N ARG A 184 -4.76 -7.39 -12.24
CA ARG A 184 -4.69 -6.10 -12.90
C ARG A 184 -3.89 -6.29 -14.19
N PHE A 185 -2.57 -6.46 -14.05
CA PHE A 185 -1.67 -6.58 -15.19
C PHE A 185 -1.40 -8.02 -15.59
N CYS A 186 -1.14 -8.21 -16.88
CA CYS A 186 -0.79 -9.51 -17.42
C CYS A 186 0.53 -9.40 -18.18
N PHE A 187 1.26 -10.51 -18.21
CA PHE A 187 2.33 -10.60 -19.19
C PHE A 187 1.73 -10.87 -20.57
N PRO A 188 2.52 -10.67 -21.65
CA PRO A 188 1.96 -10.85 -23.00
C PRO A 188 1.27 -12.18 -23.22
N ASN A 189 1.74 -13.25 -22.58
CA ASN A 189 1.11 -14.56 -22.72
C ASN A 189 -0.13 -14.71 -21.85
N GLY A 190 -0.54 -13.68 -21.12
CA GLY A 190 -1.73 -13.75 -20.29
C GLY A 190 -1.45 -14.08 -18.84
N GLN A 191 -0.22 -14.45 -18.49
CA GLN A 191 0.08 -14.78 -17.10
C GLN A 191 -0.09 -13.57 -16.18
N LEU A 192 -0.62 -13.83 -14.99
CA LEU A 192 -0.91 -12.76 -14.03
C LEU A 192 0.36 -12.20 -13.42
N ASP A 193 0.40 -10.89 -13.25
CA ASP A 193 1.35 -10.23 -12.36
C ASP A 193 0.66 -9.81 -11.07
N MET A 194 1.21 -10.24 -9.93
CA MET A 194 0.55 -10.00 -8.65
C MET A 194 1.14 -8.83 -7.87
N TYR A 195 1.98 -8.01 -8.47
CA TYR A 195 2.69 -7.01 -7.69
C TYR A 195 2.34 -5.57 -8.06
N SER A 196 2.26 -5.26 -9.35
CA SER A 196 2.05 -3.87 -9.75
C SER A 196 0.57 -3.51 -9.65
N LYS A 197 0.30 -2.39 -8.98
CA LYS A 197 -1.05 -1.87 -8.77
C LYS A 197 -1.17 -0.45 -9.33
N GLU A 198 -0.24 -0.06 -10.20
CA GLU A 198 -0.22 1.28 -10.77
C GLU A 198 -1.18 1.39 -11.94
N SER A 199 -1.30 2.62 -12.44
CA SER A 199 -2.05 2.85 -13.65
C SER A 199 -1.29 2.25 -14.84
N PRO A 200 -1.98 1.95 -15.93
CA PRO A 200 -1.29 1.34 -17.08
C PRO A 200 -0.13 2.16 -17.58
N GLU A 201 -0.24 3.48 -17.54
CA GLU A 201 0.86 4.34 -18.00
C GLU A 201 2.10 4.16 -17.13
N GLU A 202 1.92 3.90 -15.83
CA GLU A 202 3.05 3.79 -14.91
C GLU A 202 3.65 2.40 -14.86
N ALA A 203 3.06 1.42 -15.51
CA ALA A 203 3.56 0.08 -15.32
C ALA A 203 4.81 -0.17 -16.15
N PRO A 204 5.70 -1.04 -15.67
CA PRO A 204 6.88 -1.41 -16.46
C PRO A 204 6.54 -2.40 -17.56
N ALA A 205 7.26 -2.27 -18.69
CA ALA A 205 7.13 -3.24 -19.76
C ALA A 205 7.62 -4.60 -19.26
N PRO A 206 7.09 -5.71 -19.80
CA PRO A 206 6.08 -5.81 -20.84
C PRO A 206 4.67 -5.91 -20.27
N LEU A 207 4.42 -5.36 -19.08
CA LEU A 207 3.11 -5.51 -18.45
C LEU A 207 2.07 -4.71 -19.21
N LYS A 208 0.90 -5.31 -19.42
CA LYS A 208 -0.25 -4.67 -20.03
C LYS A 208 -1.48 -5.02 -19.23
N PRO A 209 -2.52 -4.19 -19.27
CA PRO A 209 -3.77 -4.54 -18.57
C PRO A 209 -4.35 -5.82 -19.14
N TRP A 210 -4.99 -6.60 -18.26
CA TRP A 210 -5.63 -7.83 -18.69
C TRP A 210 -6.59 -7.59 -19.83
N PHE A 211 -7.26 -6.43 -19.85
CA PHE A 211 -8.24 -6.15 -20.89
C PHE A 211 -7.60 -5.71 -22.19
N ALA A 212 -6.29 -5.47 -22.21
CA ALA A 212 -5.56 -5.14 -23.43
C ALA A 212 -5.09 -6.37 -24.18
N ILE A 213 -5.30 -7.56 -23.64
CA ILE A 213 -4.94 -8.81 -24.27
C ILE A 213 -6.22 -9.44 -24.80
N PRO A 214 -6.30 -9.75 -26.09
CA PRO A 214 -7.54 -10.36 -26.61
C PRO A 214 -7.83 -11.68 -25.91
N GLY A 215 -9.07 -11.81 -25.45
CA GLY A 215 -9.51 -13.01 -24.80
C GLY A 215 -10.92 -13.36 -25.26
N PRO A 216 -11.27 -14.64 -25.23
CA PRO A 216 -12.55 -15.04 -25.85
C PRO A 216 -13.77 -14.43 -25.18
N VAL A 217 -13.72 -14.25 -23.86
CA VAL A 217 -14.87 -13.68 -23.17
C VAL A 217 -15.03 -12.23 -23.58
N ALA A 218 -13.94 -11.47 -23.52
CA ALA A 218 -14.02 -10.06 -23.89
C ALA A 218 -14.40 -9.88 -25.34
N GLU A 219 -14.09 -10.88 -26.18
CA GLU A 219 -14.45 -10.78 -27.59
C GLU A 219 -15.94 -10.96 -27.79
N GLU A 220 -16.61 -11.71 -26.91
CA GLU A 220 -18.04 -11.93 -27.11
C GLU A 220 -18.95 -11.12 -26.18
N TYR A 221 -18.49 -10.78 -24.98
CA TYR A 221 -19.30 -10.16 -23.94
C TYR A 221 -18.73 -8.81 -23.54
N SER A 222 -19.60 -7.93 -23.04
CA SER A 222 -19.10 -6.79 -22.29
C SER A 222 -18.67 -7.28 -20.92
N ILE A 223 -17.64 -6.64 -20.37
CA ILE A 223 -17.16 -7.00 -19.02
C ILE A 223 -17.19 -5.77 -18.16
N ALA A 224 -17.89 -5.84 -17.03
CA ALA A 224 -17.86 -4.79 -16.03
C ALA A 224 -17.06 -5.30 -14.84
N PHE A 225 -16.25 -4.42 -14.26
CA PHE A 225 -15.45 -4.84 -13.11
C PHE A 225 -15.15 -3.64 -12.24
N GLY A 226 -14.59 -3.91 -11.06
CA GLY A 226 -14.19 -2.82 -10.18
C GLY A 226 -12.71 -2.92 -9.85
N HIS A 227 -12.38 -2.99 -8.56
CA HIS A 227 -11.04 -3.37 -8.11
C HIS A 227 -9.89 -2.40 -8.39
N TRP A 228 -9.67 -2.06 -9.65
CA TRP A 228 -8.43 -1.39 -10.08
C TRP A 228 -8.61 0.13 -9.96
N ALA A 229 -8.48 0.62 -8.73
CA ALA A 229 -8.78 2.03 -8.48
C ALA A 229 -7.81 2.96 -9.21
N SER A 230 -6.54 2.56 -9.35
CA SER A 230 -5.57 3.44 -9.99
C SER A 230 -5.85 3.64 -11.47
N LEU A 231 -6.73 2.81 -12.06
CA LEU A 231 -7.21 3.03 -13.42
C LEU A 231 -8.12 4.25 -13.50
N GLU A 232 -8.76 4.60 -12.39
CA GLU A 232 -9.67 5.74 -12.29
C GLU A 232 -10.82 5.64 -13.30
N GLY A 233 -11.17 4.41 -13.66
CA GLY A 233 -12.25 4.15 -14.59
C GLY A 233 -11.97 4.56 -16.02
N LYS A 234 -10.72 4.87 -16.37
CA LYS A 234 -10.39 5.42 -17.68
C LYS A 234 -9.50 4.45 -18.44
N GLY A 235 -9.39 4.68 -19.75
CA GLY A 235 -8.40 3.95 -20.53
C GLY A 235 -8.80 2.57 -20.95
N THR A 236 -10.10 2.25 -20.97
CA THR A 236 -10.49 0.90 -21.33
C THR A 236 -11.02 0.87 -22.77
N PRO A 237 -10.93 -0.27 -23.45
CA PRO A 237 -11.46 -0.38 -24.81
C PRO A 237 -12.98 -0.54 -24.79
N GLU A 238 -13.56 -0.53 -25.99
CA GLU A 238 -15.00 -0.73 -26.12
C GLU A 238 -15.43 -2.02 -25.44
N GLY A 239 -16.53 -1.95 -24.70
CA GLY A 239 -17.07 -3.15 -24.07
C GLY A 239 -16.44 -3.51 -22.74
N ILE A 240 -15.49 -2.71 -22.25
CA ILE A 240 -14.84 -2.93 -20.96
C ILE A 240 -15.20 -1.75 -20.08
N TYR A 241 -15.82 -2.02 -18.93
CA TYR A 241 -16.33 -0.98 -18.05
C TYR A 241 -15.63 -1.08 -16.70
N ALA A 242 -14.70 -0.15 -16.45
CA ALA A 242 -13.97 -0.11 -15.17
C ALA A 242 -14.74 0.83 -14.25
N LEU A 243 -15.47 0.27 -13.29
CA LEU A 243 -16.37 1.06 -12.46
C LEU A 243 -15.78 1.57 -11.15
N ASP A 244 -14.58 1.11 -10.76
CA ASP A 244 -14.01 1.54 -9.49
C ASP A 244 -13.26 2.86 -9.65
N THR A 245 -13.90 3.96 -9.25
CA THR A 245 -13.29 5.29 -9.30
C THR A 245 -12.87 5.79 -7.92
N GLY A 246 -12.68 4.87 -6.98
CA GLY A 246 -11.96 5.18 -5.76
C GLY A 246 -12.69 5.95 -4.71
N CYS A 247 -13.95 5.63 -4.45
CA CYS A 247 -14.73 6.44 -3.51
C CYS A 247 -14.08 6.46 -2.14
N CYS A 248 -13.65 5.31 -1.63
CA CYS A 248 -13.06 5.28 -0.30
C CYS A 248 -11.76 6.06 -0.21
N TRP A 249 -11.14 6.35 -1.35
CA TRP A 249 -9.86 7.05 -1.40
C TRP A 249 -10.01 8.55 -1.58
N GLY A 250 -11.23 9.07 -1.46
CA GLY A 250 -11.45 10.46 -1.78
C GLY A 250 -11.78 10.71 -3.23
N GLY A 251 -11.98 9.66 -4.01
CA GLY A 251 -12.39 9.83 -5.39
C GLY A 251 -13.89 9.96 -5.49
N THR A 252 -14.53 9.09 -6.28
CA THR A 252 -15.96 9.15 -6.51
C THR A 252 -16.52 7.74 -6.54
N LEU A 253 -17.81 7.63 -6.26
CA LEU A 253 -18.56 6.41 -6.52
C LEU A 253 -19.28 6.56 -7.86
N THR A 254 -19.08 5.58 -8.74
CA THR A 254 -19.63 5.64 -10.10
C THR A 254 -20.74 4.61 -10.28
N CYS A 255 -21.82 5.04 -10.93
CA CYS A 255 -22.95 4.17 -11.28
C CYS A 255 -23.16 4.28 -12.78
N LEU A 256 -23.32 3.15 -13.45
CA LEU A 256 -23.57 3.09 -14.87
C LEU A 256 -24.94 2.49 -15.07
N ARG A 257 -25.82 3.19 -15.81
CA ARG A 257 -27.08 2.59 -16.20
C ARG A 257 -26.90 1.89 -17.53
N TRP A 258 -27.27 0.60 -17.58
CA TRP A 258 -26.90 -0.24 -18.70
C TRP A 258 -27.69 0.12 -19.96
N GLU A 259 -28.96 0.52 -19.79
CA GLU A 259 -29.83 0.65 -20.97
C GLU A 259 -29.35 1.77 -21.89
N ASP A 260 -28.90 2.89 -21.31
CA ASP A 260 -28.43 4.02 -22.11
C ASP A 260 -26.94 4.31 -21.89
N LYS A 261 -26.24 3.45 -21.15
CA LYS A 261 -24.83 3.66 -20.80
C LYS A 261 -24.63 5.06 -20.22
N GLN A 262 -25.57 5.46 -19.36
CA GLN A 262 -25.47 6.79 -18.78
C GLN A 262 -24.77 6.68 -17.44
N TYR A 263 -23.73 7.51 -17.22
CA TYR A 263 -23.02 7.50 -15.95
C TYR A 263 -23.57 8.53 -14.98
N PHE A 264 -23.55 8.17 -13.69
CA PHE A 264 -23.89 9.04 -12.58
C PHE A 264 -22.77 8.94 -11.56
N VAL A 265 -22.38 10.06 -10.96
CA VAL A 265 -21.23 10.07 -10.08
C VAL A 265 -21.59 10.71 -8.75
N GLN A 266 -21.12 10.14 -7.65
CA GLN A 266 -21.32 10.68 -6.32
C GLN A 266 -19.97 11.04 -5.72
N PRO A 267 -19.68 12.31 -5.44
CA PRO A 267 -18.41 12.70 -4.82
C PRO A 267 -18.22 11.99 -3.49
N SER A 268 -16.99 11.60 -3.19
CA SER A 268 -16.69 11.11 -1.85
C SER A 268 -16.92 12.23 -0.85
N ASN A 269 -17.46 11.85 0.31
CA ASN A 269 -17.69 12.81 1.40
C ASN A 269 -16.40 13.24 2.07
N ARG A 270 -15.34 12.47 1.89
CA ARG A 270 -14.01 12.77 2.38
C ARG A 270 -13.17 13.57 1.36
N ALA B 2 28.90 23.79 13.28
CA ALA B 2 27.48 23.69 13.60
C ALA B 2 26.93 22.36 13.12
N THR B 3 25.85 21.91 13.74
CA THR B 3 25.20 20.64 13.42
C THR B 3 23.81 20.94 12.87
N TYR B 4 23.52 20.46 11.67
CA TYR B 4 22.23 20.69 11.02
C TYR B 4 21.57 19.35 10.74
N LEU B 5 20.28 19.26 11.03
CA LEU B 5 19.50 18.06 10.78
C LEU B 5 18.40 18.42 9.80
N ILE B 6 18.30 17.68 8.70
CA ILE B 6 17.29 17.97 7.69
C ILE B 6 16.45 16.71 7.46
N GLY B 7 15.13 16.91 7.27
CA GLY B 7 14.21 15.80 7.02
C GLY B 7 14.27 15.31 5.58
N ASP B 8 13.28 14.49 5.23
CA ASP B 8 13.29 13.78 3.94
C ASP B 8 13.44 14.75 2.78
N VAL B 9 14.46 14.53 1.95
CA VAL B 9 14.72 15.41 0.82
C VAL B 9 13.93 15.00 -0.41
N HIS B 10 13.74 13.69 -0.62
CA HIS B 10 12.92 13.19 -1.71
C HIS B 10 13.22 13.89 -3.04
N GLY B 11 14.49 13.97 -3.38
CA GLY B 11 14.87 14.53 -4.68
C GLY B 11 14.66 16.02 -4.82
N CYS B 12 14.37 16.73 -3.72
CA CYS B 12 14.15 18.18 -3.79
C CYS B 12 15.50 18.89 -3.64
N TYR B 13 16.30 18.74 -4.69
CA TYR B 13 17.68 19.22 -4.66
C TYR B 13 17.74 20.74 -4.50
N ASP B 14 16.95 21.47 -5.29
CA ASP B 14 17.01 22.93 -5.24
C ASP B 14 16.66 23.44 -3.85
N GLU B 15 15.67 22.83 -3.21
CA GLU B 15 15.27 23.26 -1.86
C GLU B 15 16.35 22.92 -0.85
N LEU B 16 16.98 21.74 -0.98
CA LEU B 16 18.08 21.38 -0.08
C LEU B 16 19.21 22.39 -0.17
N ILE B 17 19.63 22.72 -1.40
CA ILE B 17 20.74 23.64 -1.54
C ILE B 17 20.36 25.04 -1.04
N ALA B 18 19.14 25.48 -1.32
CA ALA B 18 18.75 26.81 -0.85
C ALA B 18 18.75 26.86 0.68
N LEU B 19 18.28 25.79 1.32
CA LEU B 19 18.28 25.72 2.78
C LEU B 19 19.70 25.70 3.33
N LEU B 20 20.60 24.92 2.71
CA LEU B 20 21.97 24.88 3.18
C LEU B 20 22.68 26.21 2.97
N HIS B 21 22.35 26.92 1.89
CA HIS B 21 22.95 28.24 1.69
C HIS B 21 22.39 29.25 2.70
N LYS B 22 21.12 29.11 3.07
CA LYS B 22 20.54 30.00 4.08
C LYS B 22 21.31 29.91 5.40
N VAL B 23 21.72 28.69 5.80
CA VAL B 23 22.47 28.54 7.05
C VAL B 23 23.98 28.62 6.84
N GLU B 24 24.44 28.90 5.61
CA GLU B 24 25.85 28.93 5.26
C GLU B 24 26.56 27.65 5.67
N PHE B 25 25.96 26.52 5.29
CA PHE B 25 26.56 25.22 5.59
C PHE B 25 27.94 25.11 4.98
N THR B 26 28.93 24.76 5.81
CA THR B 26 30.33 24.73 5.40
C THR B 26 30.97 23.40 5.74
N PRO B 27 31.11 22.49 4.76
CA PRO B 27 31.76 21.21 5.04
C PRO B 27 33.12 21.42 5.67
N GLY B 28 33.44 20.58 6.65
CA GLY B 28 34.69 20.72 7.39
C GLY B 28 34.56 21.54 8.67
N LYS B 29 33.60 22.46 8.71
CA LYS B 29 33.23 23.15 9.94
C LYS B 29 31.88 22.72 10.47
N ASP B 30 31.00 22.24 9.58
CA ASP B 30 29.65 21.86 9.95
C ASP B 30 29.41 20.41 9.57
N THR B 31 28.43 19.80 10.24
CA THR B 31 28.01 18.45 9.91
C THR B 31 26.52 18.45 9.62
N LEU B 32 26.12 17.75 8.57
CA LEU B 32 24.72 17.67 8.19
C LEU B 32 24.22 16.26 8.48
N TRP B 33 23.12 16.13 9.22
CA TRP B 33 22.43 14.86 9.45
C TRP B 33 21.21 14.84 8.54
N LEU B 34 21.01 13.74 7.82
CA LEU B 34 19.84 13.60 6.95
C LEU B 34 19.06 12.37 7.37
N THR B 35 17.73 12.52 7.49
CA THR B 35 16.86 11.45 7.95
C THR B 35 16.57 10.39 6.89
N GLY B 36 17.19 10.46 5.72
CA GLY B 36 16.93 9.45 4.69
C GLY B 36 15.76 9.84 3.81
N ASP B 37 15.38 8.91 2.93
CA ASP B 37 14.49 9.22 1.81
C ASP B 37 15.06 10.38 1.02
N LEU B 38 16.32 10.21 0.62
CA LEU B 38 16.98 11.20 -0.23
C LEU B 38 16.36 11.29 -1.61
N VAL B 39 15.68 10.23 -2.05
CA VAL B 39 15.33 10.06 -3.45
C VAL B 39 13.83 9.86 -3.57
N ALA B 40 13.36 9.94 -4.82
CA ALA B 40 12.00 9.65 -5.28
C ALA B 40 11.07 10.84 -5.11
N ARG B 41 10.12 10.96 -6.04
CA ARG B 41 9.05 11.97 -6.11
C ARG B 41 9.54 13.33 -6.58
N GLY B 42 10.53 13.92 -5.92
CA GLY B 42 11.10 15.14 -6.41
C GLY B 42 11.90 14.87 -7.67
N PRO B 43 12.30 15.94 -8.36
CA PRO B 43 12.92 15.74 -9.69
C PRO B 43 14.41 15.47 -9.66
N GLY B 44 15.09 15.73 -8.54
CA GLY B 44 16.55 15.71 -8.55
C GLY B 44 17.24 14.66 -7.71
N SER B 45 16.72 13.43 -7.68
CA SER B 45 17.35 12.36 -6.89
C SER B 45 18.82 12.18 -7.26
N LEU B 46 19.14 12.28 -8.56
CA LEU B 46 20.51 12.08 -9.00
C LEU B 46 21.43 13.17 -8.42
N ASP B 47 20.98 14.43 -8.46
CA ASP B 47 21.79 15.50 -7.93
C ASP B 47 21.95 15.37 -6.41
N VAL B 48 20.87 14.99 -5.72
CA VAL B 48 20.93 14.80 -4.27
C VAL B 48 21.99 13.75 -3.93
N LEU B 49 21.95 12.57 -4.59
CA LEU B 49 22.93 11.55 -4.22
C LEU B 49 24.34 11.99 -4.57
N ARG B 50 24.55 12.63 -5.73
CA ARG B 50 25.90 13.09 -6.05
C ARG B 50 26.41 14.04 -4.96
N TYR B 51 25.61 15.02 -4.59
CA TYR B 51 26.05 16.01 -3.62
C TYR B 51 26.30 15.37 -2.25
N VAL B 52 25.35 14.57 -1.76
CA VAL B 52 25.49 14.02 -0.42
C VAL B 52 26.71 13.11 -0.34
N LYS B 53 26.94 12.29 -1.36
CA LYS B 53 28.15 11.47 -1.36
C LYS B 53 29.40 12.33 -1.33
N SER B 54 29.41 13.43 -2.09
CA SER B 54 30.58 14.29 -2.13
C SER B 54 30.88 14.91 -0.78
N LEU B 55 29.89 15.01 0.11
CA LEU B 55 30.16 15.61 1.43
C LEU B 55 31.03 14.73 2.34
N GLY B 56 31.12 13.43 2.09
CA GLY B 56 32.01 12.59 2.88
C GLY B 56 31.66 12.62 4.35
N ASP B 57 32.67 12.83 5.21
CA ASP B 57 32.49 12.85 6.66
C ASP B 57 31.64 14.01 7.15
N SER B 58 31.32 14.97 6.28
CA SER B 58 30.52 16.09 6.70
C SER B 58 29.03 15.78 6.69
N VAL B 59 28.64 14.56 6.32
CA VAL B 59 27.24 14.17 6.38
C VAL B 59 27.11 12.87 7.16
N ARG B 60 26.06 12.77 7.94
CA ARG B 60 25.68 11.56 8.68
C ARG B 60 24.26 11.20 8.22
N LEU B 61 24.17 10.17 7.38
CA LEU B 61 22.92 9.76 6.76
C LEU B 61 22.36 8.53 7.45
N VAL B 62 21.03 8.40 7.46
CA VAL B 62 20.40 7.09 7.68
C VAL B 62 19.55 6.77 6.46
N LEU B 63 19.44 5.49 6.12
CA LEU B 63 18.63 5.07 4.98
C LEU B 63 17.15 5.01 5.33
N GLY B 64 16.31 5.47 4.39
CA GLY B 64 14.86 5.41 4.50
C GLY B 64 14.27 4.37 3.56
N ASN B 65 12.94 4.21 3.64
CA ASN B 65 12.29 3.15 2.86
C ASN B 65 12.39 3.41 1.36
N HIS B 66 12.41 4.67 0.93
CA HIS B 66 12.57 4.93 -0.50
C HIS B 66 14.00 4.73 -0.97
N ASP B 67 14.98 4.97 -0.10
CA ASP B 67 16.36 4.63 -0.45
C ASP B 67 16.49 3.11 -0.65
N LEU B 68 15.90 2.33 0.26
CA LEU B 68 15.93 0.88 0.09
C LEU B 68 15.18 0.43 -1.17
N HIS B 69 14.05 1.05 -1.46
CA HIS B 69 13.34 0.72 -2.70
C HIS B 69 14.20 1.01 -3.92
N LEU B 70 14.85 2.17 -3.94
CA LEU B 70 15.76 2.48 -5.04
C LEU B 70 16.83 1.39 -5.19
N LEU B 71 17.42 0.96 -4.06
CA LEU B 71 18.43 -0.10 -4.15
C LEU B 71 17.83 -1.39 -4.71
N ALA B 72 16.58 -1.71 -4.33
CA ALA B 72 15.93 -2.91 -4.87
C ALA B 72 15.72 -2.81 -6.37
N VAL B 73 15.33 -1.62 -6.86
CA VAL B 73 15.18 -1.43 -8.30
C VAL B 73 16.53 -1.56 -8.99
N PHE B 74 17.56 -0.95 -8.41
CA PHE B 74 18.91 -1.04 -8.96
C PHE B 74 19.35 -2.48 -9.09
N ALA B 75 19.06 -3.29 -8.08
CA ALA B 75 19.48 -4.69 -8.05
C ALA B 75 18.57 -5.61 -8.87
N GLY B 76 17.55 -5.08 -9.52
CA GLY B 76 16.65 -5.93 -10.30
C GLY B 76 15.64 -6.69 -9.50
N ILE B 77 15.48 -6.35 -8.21
CA ILE B 77 14.53 -7.03 -7.32
C ILE B 77 13.13 -6.47 -7.50
N SER B 78 13.04 -5.15 -7.74
CA SER B 78 11.77 -4.46 -7.81
C SER B 78 11.72 -3.67 -9.10
N ARG B 79 10.52 -3.41 -9.58
CA ARG B 79 10.38 -2.72 -10.85
C ARG B 79 10.29 -1.22 -10.64
N ASN B 80 10.90 -0.48 -11.56
CA ASN B 80 10.91 0.97 -11.51
C ASN B 80 9.56 1.57 -11.90
N LYS B 81 8.99 2.40 -11.02
CA LYS B 81 7.79 3.15 -11.39
C LYS B 81 8.22 4.51 -11.92
N PRO B 82 7.89 4.87 -13.17
CA PRO B 82 8.35 6.16 -13.74
C PRO B 82 7.99 7.38 -12.91
N LYS B 83 6.81 7.37 -12.30
CA LYS B 83 6.35 8.52 -11.52
C LYS B 83 7.30 8.84 -10.36
N ASP B 84 8.10 7.87 -9.92
CA ASP B 84 9.05 8.09 -8.83
C ASP B 84 10.22 8.97 -9.25
N ARG B 85 10.42 9.13 -10.55
CA ARG B 85 11.49 9.96 -11.12
C ARG B 85 12.88 9.48 -10.71
N LEU B 86 13.04 8.17 -10.62
CA LEU B 86 14.35 7.58 -10.36
C LEU B 86 15.10 7.22 -11.63
N THR B 87 14.46 7.31 -12.80
CA THR B 87 15.13 6.80 -14.00
C THR B 87 16.42 7.54 -14.34
N PRO B 88 16.52 8.88 -14.23
CA PRO B 88 17.82 9.52 -14.52
C PRO B 88 18.94 9.01 -13.65
N LEU B 89 18.67 8.80 -12.36
CA LEU B 89 19.67 8.24 -11.47
C LEU B 89 20.04 6.82 -11.88
N LEU B 90 19.03 5.98 -12.15
CA LEU B 90 19.31 4.60 -12.51
C LEU B 90 20.10 4.47 -13.80
N GLU B 91 19.91 5.41 -14.72
CA GLU B 91 20.59 5.37 -16.02
C GLU B 91 21.89 6.18 -16.07
N ALA B 92 22.27 6.82 -14.96
CA ALA B 92 23.45 7.67 -14.98
C ALA B 92 24.72 6.83 -15.09
N PRO B 93 25.77 7.36 -15.72
CA PRO B 93 27.02 6.59 -15.80
C PRO B 93 27.66 6.33 -14.46
N ASP B 94 27.37 7.14 -13.44
CA ASP B 94 27.89 6.93 -12.09
C ASP B 94 26.89 6.23 -11.18
N ALA B 95 25.86 5.58 -11.75
CA ALA B 95 24.85 4.91 -10.94
C ALA B 95 25.50 3.88 -10.01
N ASP B 96 26.41 3.05 -10.55
CA ASP B 96 27.06 2.04 -9.72
C ASP B 96 27.79 2.68 -8.55
N GLU B 97 28.59 3.71 -8.81
CA GLU B 97 29.34 4.38 -7.75
C GLU B 97 28.38 4.92 -6.68
N LEU B 98 27.31 5.59 -7.12
CA LEU B 98 26.40 6.23 -6.17
C LEU B 98 25.63 5.20 -5.35
N LEU B 99 25.15 4.14 -5.99
CA LEU B 99 24.29 3.19 -5.29
C LEU B 99 25.09 2.18 -4.46
N ASN B 100 26.29 1.81 -4.91
CA ASN B 100 27.16 1.04 -4.05
C ASN B 100 27.57 1.85 -2.82
N TRP B 101 27.72 3.18 -2.96
CA TRP B 101 27.92 4.00 -1.77
C TRP B 101 26.67 4.02 -0.89
N LEU B 102 25.50 4.20 -1.50
CA LEU B 102 24.28 4.35 -0.71
C LEU B 102 24.02 3.12 0.14
N ARG B 103 24.22 1.93 -0.43
CA ARG B 103 23.91 0.71 0.33
C ARG B 103 24.86 0.45 1.50
N ARG B 104 25.99 1.18 1.56
CA ARG B 104 26.92 1.09 2.68
C ARG B 104 26.60 2.08 3.80
N GLN B 105 25.53 2.89 3.66
CA GLN B 105 25.26 3.89 4.68
C GLN B 105 24.45 3.32 5.83
N PRO B 106 24.48 3.96 7.00
CA PRO B 106 23.86 3.34 8.18
C PRO B 106 22.34 3.40 8.15
N LEU B 107 21.75 2.56 9.01
CA LEU B 107 20.33 2.69 9.36
C LEU B 107 20.12 3.52 10.62
N LEU B 108 21.19 3.78 11.38
CA LEU B 108 21.06 4.41 12.69
C LEU B 108 22.30 5.25 12.93
N GLN B 109 22.12 6.48 13.41
CA GLN B 109 23.23 7.33 13.80
C GLN B 109 23.09 7.66 15.28
N ILE B 110 24.19 7.56 16.02
CA ILE B 110 24.22 7.86 17.45
C ILE B 110 25.38 8.81 17.72
N ASP B 111 25.10 9.92 18.41
CA ASP B 111 26.12 10.86 18.86
C ASP B 111 25.98 10.95 20.39
N GLU B 112 26.93 10.32 21.09
CA GLU B 112 26.84 10.26 22.55
C GLU B 112 27.10 11.62 23.18
N GLU B 113 27.95 12.44 22.56
CA GLU B 113 28.23 13.76 23.11
C GLU B 113 27.03 14.67 22.99
N LYS B 114 26.20 14.47 21.97
CA LYS B 114 24.96 15.23 21.86
C LYS B 114 23.77 14.52 22.49
N LYS B 115 23.94 13.28 22.94
CA LYS B 115 22.83 12.42 23.39
C LYS B 115 21.72 12.45 22.34
N LEU B 116 22.11 12.15 21.10
CA LEU B 116 21.24 12.29 19.95
C LEU B 116 21.26 10.99 19.14
N VAL B 117 20.07 10.48 18.81
CA VAL B 117 19.91 9.29 17.98
C VAL B 117 19.07 9.70 16.77
N MET B 118 19.43 9.18 15.60
CA MET B 118 18.67 9.35 14.36
C MET B 118 18.42 8.02 13.67
N ALA B 119 17.18 7.84 13.22
CA ALA B 119 16.82 6.77 12.27
C ALA B 119 15.68 7.31 11.42
N HIS B 120 15.43 6.67 10.29
CA HIS B 120 14.43 7.21 9.36
C HIS B 120 13.07 7.33 10.02
N ALA B 121 12.56 6.23 10.60
CA ALA B 121 11.22 6.23 11.16
C ALA B 121 11.19 6.46 12.66
N GLY B 122 12.34 6.41 13.33
CA GLY B 122 12.38 6.57 14.77
C GLY B 122 12.90 5.31 15.42
N ILE B 123 12.66 5.15 16.72
CA ILE B 123 13.12 3.99 17.48
C ILE B 123 11.90 3.33 18.12
N THR B 124 11.60 2.10 17.73
CA THR B 124 10.44 1.44 18.33
C THR B 124 10.60 1.37 19.84
N PRO B 125 9.53 1.59 20.60
CA PRO B 125 9.63 1.50 22.05
C PRO B 125 9.98 0.10 22.54
N GLN B 126 9.93 -0.90 21.66
CA GLN B 126 10.30 -2.25 22.05
C GLN B 126 11.81 -2.47 22.07
N TRP B 127 12.60 -1.48 21.67
CA TRP B 127 14.04 -1.59 21.62
C TRP B 127 14.71 -0.71 22.66
N ASP B 128 15.70 -1.27 23.35
CA ASP B 128 16.67 -0.44 24.04
C ASP B 128 17.82 -0.09 23.07
N LEU B 129 18.76 0.75 23.52
CA LEU B 129 19.77 1.25 22.59
C LEU B 129 20.67 0.13 22.11
N GLN B 130 21.10 -0.76 22.99
CA GLN B 130 21.99 -1.84 22.58
C GLN B 130 21.33 -2.71 21.51
N THR B 131 20.03 -2.99 21.68
CA THR B 131 19.34 -3.81 20.68
C THR B 131 19.22 -3.05 19.36
N ALA B 132 18.85 -1.76 19.41
CA ALA B 132 18.79 -0.99 18.17
C ALA B 132 20.14 -1.02 17.46
N LYS B 133 21.23 -0.89 18.22
CA LYS B 133 22.57 -0.89 17.62
C LYS B 133 22.86 -2.22 16.94
N GLU B 134 22.57 -3.31 17.64
CA GLU B 134 22.86 -4.62 17.06
C GLU B 134 22.01 -4.87 15.82
N CYS B 135 20.75 -4.48 15.85
CA CYS B 135 19.88 -4.71 14.70
C CYS B 135 20.32 -3.88 13.51
N ALA B 136 20.68 -2.61 13.75
CA ALA B 136 21.21 -1.80 12.66
C ALA B 136 22.45 -2.45 12.06
N ARG B 137 23.38 -2.91 12.92
CA ARG B 137 24.60 -3.53 12.40
C ARG B 137 24.29 -4.76 11.55
N ASP B 138 23.34 -5.59 11.98
CA ASP B 138 23.02 -6.78 11.22
C ASP B 138 22.49 -6.44 9.83
N VAL B 139 21.59 -5.45 9.75
CA VAL B 139 21.06 -5.19 8.42
C VAL B 139 22.07 -4.42 7.57
N GLU B 140 22.82 -3.48 8.17
CA GLU B 140 23.87 -2.81 7.42
C GLU B 140 24.85 -3.83 6.84
N ALA B 141 25.12 -4.90 7.60
CA ALA B 141 26.04 -5.92 7.11
C ALA B 141 25.48 -6.59 5.86
N VAL B 142 24.17 -6.91 5.85
CA VAL B 142 23.66 -7.55 4.64
C VAL B 142 23.62 -6.56 3.47
N LEU B 143 23.32 -5.28 3.74
CA LEU B 143 23.22 -4.30 2.66
C LEU B 143 24.58 -4.01 2.03
N SER B 144 25.66 -4.09 2.82
CA SER B 144 27.01 -3.84 2.33
C SER B 144 27.65 -5.07 1.72
N SER B 145 27.01 -6.23 1.81
CA SER B 145 27.59 -7.49 1.36
C SER B 145 27.36 -7.69 -0.14
N ASP B 146 28.11 -8.63 -0.72
CA ASP B 146 27.93 -8.93 -2.13
C ASP B 146 26.55 -9.51 -2.43
N SER B 147 25.88 -10.08 -1.44
CA SER B 147 24.58 -10.71 -1.66
C SER B 147 23.42 -9.78 -1.33
N TYR B 148 23.64 -8.47 -1.38
CA TYR B 148 22.56 -7.57 -1.01
C TYR B 148 21.28 -7.71 -1.86
N PRO B 149 21.30 -8.12 -3.13
CA PRO B 149 20.01 -8.25 -3.83
C PRO B 149 19.12 -9.28 -3.17
N PHE B 150 19.72 -10.38 -2.76
CA PHE B 150 18.93 -11.40 -2.10
CA PHE B 150 18.94 -11.42 -2.08
C PHE B 150 18.35 -10.88 -0.79
N PHE B 151 19.13 -10.10 -0.01
N PHE B 151 19.10 -10.08 -0.05
CA PHE B 151 18.53 -9.45 1.16
CA PHE B 151 18.56 -9.53 1.17
C PHE B 151 17.40 -8.54 0.78
C PHE B 151 17.53 -8.43 0.92
N LEU B 152 17.64 -7.69 -0.20
CA LEU B 152 16.64 -6.70 -0.56
C LEU B 152 15.32 -7.37 -0.90
N ASP B 153 15.40 -8.53 -1.57
CA ASP B 153 14.17 -9.25 -1.86
C ASP B 153 13.58 -9.82 -0.57
N ALA B 154 14.44 -10.28 0.34
CA ALA B 154 13.97 -10.90 1.59
C ALA B 154 13.36 -9.88 2.54
N MET B 155 13.77 -8.61 2.41
CA MET B 155 13.34 -7.57 3.35
C MET B 155 11.85 -7.25 3.24
N TYR B 156 11.22 -7.56 2.11
CA TYR B 156 9.82 -7.20 1.91
C TYR B 156 8.92 -8.08 2.78
N GLY B 157 7.94 -7.45 3.41
CA GLY B 157 7.00 -8.17 4.26
C GLY B 157 6.49 -7.29 5.37
N ASP B 158 5.30 -7.63 5.88
CA ASP B 158 4.64 -6.85 6.92
C ASP B 158 4.62 -7.54 8.28
N MET B 159 5.15 -8.76 8.39
CA MET B 159 5.19 -9.55 9.61
C MET B 159 6.59 -10.11 9.82
N PRO B 160 6.99 -10.39 11.06
CA PRO B 160 6.27 -10.20 12.33
C PRO B 160 6.32 -8.75 12.72
N ASN B 161 5.42 -8.33 13.62
CA ASN B 161 5.36 -6.93 13.99
C ASN B 161 5.64 -6.74 15.48
N ASN B 162 6.13 -7.78 16.14
CA ASN B 162 6.45 -7.75 17.56
C ASN B 162 7.90 -8.18 17.73
N TRP B 163 8.71 -7.33 18.36
CA TRP B 163 10.12 -7.68 18.58
C TRP B 163 10.25 -8.76 19.65
N SER B 164 11.18 -9.69 19.42
CA SER B 164 11.65 -10.61 20.46
C SER B 164 13.11 -10.91 20.15
N PRO B 165 13.97 -10.98 21.15
CA PRO B 165 15.35 -11.46 20.90
C PRO B 165 15.37 -12.86 20.33
N GLU B 166 14.27 -13.59 20.43
CA GLU B 166 14.22 -14.94 19.88
C GLU B 166 13.90 -14.97 18.39
N LEU B 167 13.53 -13.83 17.79
CA LEU B 167 13.27 -13.82 16.36
C LEU B 167 14.50 -14.32 15.62
N ARG B 168 14.28 -15.05 14.53
CA ARG B 168 15.38 -15.57 13.74
C ARG B 168 15.05 -15.43 12.26
N GLY B 169 16.10 -15.42 11.45
CA GLY B 169 15.91 -15.54 10.01
C GLY B 169 15.16 -14.39 9.39
N LEU B 170 14.32 -14.74 8.40
CA LEU B 170 13.65 -13.73 7.58
C LEU B 170 12.79 -12.81 8.44
N GLY B 171 12.09 -13.38 9.41
CA GLY B 171 11.22 -12.54 10.23
C GLY B 171 11.98 -11.51 11.03
N ARG B 172 13.15 -11.90 11.53
CA ARG B 172 14.01 -10.93 12.28
C ARG B 172 14.41 -9.79 11.33
N LEU B 173 14.88 -10.13 10.12
CA LEU B 173 15.36 -9.08 9.18
C LEU B 173 14.20 -8.15 8.81
N ARG B 174 13.03 -8.73 8.50
CA ARG B 174 11.88 -7.90 8.09
C ARG B 174 11.45 -6.99 9.26
N PHE B 175 11.38 -7.54 10.47
CA PHE B 175 11.01 -6.66 11.57
C PHE B 175 11.98 -5.50 11.68
N ILE B 176 13.30 -5.79 11.66
CA ILE B 176 14.29 -4.72 11.82
C ILE B 176 14.10 -3.66 10.73
N THR B 177 13.96 -4.11 9.48
CA THR B 177 13.80 -3.20 8.37
C THR B 177 12.56 -2.33 8.55
N ASN B 178 11.45 -2.96 8.96
CA ASN B 178 10.21 -2.22 9.13
C ASN B 178 10.29 -1.24 10.29
N ALA B 179 10.93 -1.64 11.38
CA ALA B 179 11.05 -0.75 12.53
C ALA B 179 11.87 0.49 12.19
N PHE B 180 12.99 0.32 11.47
CA PHE B 180 13.82 1.49 11.18
C PHE B 180 13.25 2.37 10.07
N THR B 181 12.57 1.78 9.08
CA THR B 181 12.26 2.53 7.87
C THR B 181 10.78 2.68 7.53
N ARG B 182 9.87 2.03 8.24
CA ARG B 182 8.46 2.13 7.86
C ARG B 182 7.54 2.49 9.02
N MET B 183 8.02 2.35 10.25
CA MET B 183 7.19 2.51 11.44
C MET B 183 6.51 3.87 11.52
N ARG B 184 5.24 3.86 11.92
CA ARG B 184 4.52 5.07 12.33
C ARG B 184 3.74 4.75 13.59
N PHE B 185 2.67 3.97 13.44
CA PHE B 185 1.77 3.69 14.56
C PHE B 185 2.12 2.39 15.24
N CYS B 186 1.81 2.33 16.53
CA CYS B 186 1.96 1.12 17.32
C CYS B 186 0.64 0.80 18.00
N PHE B 187 0.43 -0.49 18.26
CA PHE B 187 -0.59 -0.89 19.20
C PHE B 187 -0.10 -0.57 20.61
N PRO B 188 -1.00 -0.55 21.61
CA PRO B 188 -0.58 -0.19 22.97
C PRO B 188 0.59 -1.00 23.50
N ASN B 189 0.70 -2.27 23.14
CA ASN B 189 1.81 -3.12 23.59
C ASN B 189 3.09 -2.90 22.80
N GLY B 190 3.11 -1.96 21.87
CA GLY B 190 4.29 -1.65 21.11
C GLY B 190 4.38 -2.31 19.75
N GLN B 191 3.50 -3.27 19.43
CA GLN B 191 3.56 -3.92 18.13
C GLN B 191 3.36 -2.93 16.99
N LEU B 192 4.09 -3.13 15.89
CA LEU B 192 3.99 -2.22 14.75
C LEU B 192 2.70 -2.44 13.96
N ASP B 193 2.11 -1.33 13.53
CA ASP B 193 1.09 -1.36 12.49
C ASP B 193 1.72 -0.91 11.17
N MET B 194 1.59 -1.73 10.13
CA MET B 194 2.26 -1.46 8.87
C MET B 194 1.35 -0.85 7.82
N TYR B 195 0.16 -0.37 8.20
CA TYR B 195 -0.81 0.07 7.19
C TYR B 195 -1.23 1.54 7.33
N SER B 196 -1.47 2.05 8.53
CA SER B 196 -1.98 3.42 8.67
C SER B 196 -0.86 4.44 8.53
N LYS B 197 -1.09 5.47 7.69
CA LYS B 197 -0.07 6.48 7.44
C LYS B 197 -0.60 7.90 7.66
N GLU B 198 -1.78 8.04 8.24
CA GLU B 198 -2.37 9.35 8.43
C GLU B 198 -1.86 9.98 9.72
N SER B 199 -2.34 11.21 10.00
CA SER B 199 -1.97 11.89 11.23
C SER B 199 -2.54 11.16 12.45
N PRO B 200 -1.91 11.33 13.62
CA PRO B 200 -2.40 10.64 14.82
C PRO B 200 -3.86 10.88 15.14
N GLU B 201 -4.34 12.11 14.89
CA GLU B 201 -5.73 12.45 15.17
C GLU B 201 -6.69 11.64 14.33
N GLU B 202 -6.32 11.31 13.08
CA GLU B 202 -7.19 10.61 12.16
C GLU B 202 -7.09 9.09 12.25
N ALA B 203 -6.16 8.56 13.03
CA ALA B 203 -5.89 7.12 13.01
C ALA B 203 -6.98 6.33 13.73
N PRO B 204 -7.21 5.09 13.32
CA PRO B 204 -8.21 4.25 13.99
C PRO B 204 -7.70 3.70 15.32
N ALA B 205 -8.59 3.61 16.29
CA ALA B 205 -8.21 3.01 17.57
C ALA B 205 -7.85 1.54 17.35
N PRO B 206 -6.93 0.99 18.17
CA PRO B 206 -6.21 1.61 19.29
C PRO B 206 -4.85 2.17 18.92
N LEU B 207 -4.62 2.54 17.66
CA LEU B 207 -3.28 2.93 17.22
C LEU B 207 -2.86 4.28 17.83
N LYS B 208 -1.59 4.35 18.22
CA LYS B 208 -0.97 5.57 18.72
C LYS B 208 0.42 5.70 18.12
N PRO B 209 0.96 6.92 18.04
CA PRO B 209 2.33 7.06 17.50
C PRO B 209 3.33 6.29 18.35
N TRP B 210 4.37 5.77 17.67
CA TRP B 210 5.44 5.05 18.36
C TRP B 210 6.03 5.89 19.47
N PHE B 211 6.14 7.20 19.27
CA PHE B 211 6.77 8.04 20.28
C PHE B 211 5.85 8.36 21.44
N ALA B 212 4.57 7.95 21.37
CA ALA B 212 3.64 8.15 22.47
C ALA B 212 3.69 7.02 23.48
N ILE B 213 4.48 5.99 23.21
CA ILE B 213 4.66 4.85 24.10
C ILE B 213 6.04 4.98 24.74
N PRO B 214 6.14 5.06 26.06
CA PRO B 214 7.45 5.23 26.69
C PRO B 214 8.40 4.11 26.33
N GLY B 215 9.61 4.48 25.92
CA GLY B 215 10.61 3.52 25.53
C GLY B 215 11.96 3.93 26.07
N PRO B 216 12.83 2.94 26.29
CA PRO B 216 14.09 3.22 26.99
C PRO B 216 15.03 4.16 26.25
N VAL B 217 15.04 4.14 24.92
CA VAL B 217 15.96 5.02 24.20
C VAL B 217 15.55 6.47 24.40
N ALA B 218 14.26 6.76 24.25
CA ALA B 218 13.75 8.12 24.39
C ALA B 218 13.96 8.67 25.79
N GLU B 219 14.09 7.80 26.80
CA GLU B 219 14.29 8.30 28.16
C GLU B 219 15.68 8.89 28.33
N GLU B 220 16.66 8.43 27.55
CA GLU B 220 18.03 8.89 27.69
C GLU B 220 18.50 9.79 26.56
N TYR B 221 17.95 9.64 25.36
CA TYR B 221 18.44 10.33 24.17
C TYR B 221 17.34 11.15 23.53
N SER B 222 17.74 12.21 22.84
CA SER B 222 16.85 12.83 21.88
C SER B 222 16.81 11.95 20.64
N ILE B 223 15.66 11.91 19.99
CA ILE B 223 15.50 11.13 18.75
C ILE B 223 15.04 12.07 17.66
N ALA B 224 15.80 12.11 16.57
CA ALA B 224 15.42 12.82 15.37
C ALA B 224 15.05 11.80 14.30
N PHE B 225 14.00 12.09 13.54
CA PHE B 225 13.54 11.17 12.51
C PHE B 225 12.81 11.94 11.43
N GLY B 226 12.55 11.27 10.30
CA GLY B 226 11.80 11.86 9.22
C GLY B 226 10.57 11.03 8.94
N HIS B 227 10.40 10.58 7.68
CA HIS B 227 9.41 9.58 7.31
C HIS B 227 7.93 9.93 7.36
N TRP B 228 7.46 10.35 8.52
CA TRP B 228 6.03 10.46 8.78
C TRP B 228 5.53 11.85 8.39
N ALA B 229 5.35 12.03 7.09
CA ALA B 229 4.99 13.35 6.56
C ALA B 229 3.66 13.86 7.10
N SER B 230 2.68 12.96 7.33
CA SER B 230 1.36 13.43 7.75
C SER B 230 1.38 14.01 9.17
N LEU B 231 2.45 13.77 9.92
CA LEU B 231 2.64 14.42 11.21
C LEU B 231 2.92 15.91 11.04
N GLU B 232 3.43 16.31 9.88
CA GLU B 232 3.76 17.70 9.57
C GLU B 232 4.76 18.28 10.57
N GLY B 233 5.59 17.42 11.14
CA GLY B 233 6.57 17.85 12.12
C GLY B 233 6.01 18.29 13.45
N LYS B 234 4.74 18.01 13.73
CA LYS B 234 4.07 18.51 14.92
C LYS B 234 3.62 17.38 15.83
N GLY B 235 3.29 17.75 17.06
CA GLY B 235 2.64 16.83 17.99
C GLY B 235 3.55 15.85 18.70
N THR B 236 4.84 16.15 18.78
CA THR B 236 5.78 15.23 19.39
C THR B 236 6.12 15.67 20.81
N PRO B 237 6.47 14.74 21.69
CA PRO B 237 6.88 15.13 23.04
C PRO B 237 8.26 15.75 23.05
N GLU B 238 8.66 16.27 24.22
CA GLU B 238 10.00 16.82 24.36
C GLU B 238 11.04 15.78 24.02
N GLY B 239 12.07 16.18 23.28
CA GLY B 239 13.16 15.30 22.93
C GLY B 239 12.93 14.47 21.69
N ILE B 240 11.77 14.62 21.05
CA ILE B 240 11.42 13.92 19.81
C ILE B 240 11.26 14.95 18.72
N TYR B 241 12.04 14.81 17.66
CA TYR B 241 12.10 15.78 16.58
C TYR B 241 11.66 15.12 15.28
N ALA B 242 10.46 15.46 14.83
CA ALA B 242 9.90 14.95 13.57
C ALA B 242 10.24 15.98 12.50
N LEU B 243 11.24 15.67 11.68
CA LEU B 243 11.78 16.64 10.74
C LEU B 243 11.17 16.59 9.35
N ASP B 244 10.36 15.58 9.03
CA ASP B 244 9.79 15.49 7.69
C ASP B 244 8.55 16.35 7.58
N THR B 245 8.68 17.51 6.94
CA THR B 245 7.54 18.40 6.73
C THR B 245 7.05 18.38 5.29
N GLY B 246 7.37 17.33 4.55
CA GLY B 246 6.69 17.05 3.31
C GLY B 246 7.08 17.89 2.11
N CYS B 247 8.38 18.15 1.94
CA CYS B 247 8.81 19.05 0.86
C CYS B 247 8.33 18.54 -0.50
N CYS B 248 8.50 17.24 -0.77
CA CYS B 248 8.11 16.70 -2.07
C CYS B 248 6.60 16.78 -2.30
N TRP B 249 5.81 16.94 -1.24
CA TRP B 249 4.35 16.97 -1.34
C TRP B 249 3.83 18.40 -1.45
N GLY B 250 4.70 19.38 -1.63
CA GLY B 250 4.27 20.76 -1.60
C GLY B 250 4.30 21.39 -0.23
N GLY B 251 4.86 20.71 0.76
CA GLY B 251 5.02 21.27 2.10
C GLY B 251 6.28 22.09 2.19
N THR B 252 7.18 21.74 3.11
CA THR B 252 8.42 22.49 3.31
C THR B 252 9.55 21.53 3.60
N LEU B 253 10.78 21.98 3.36
CA LEU B 253 11.97 21.29 3.84
C LEU B 253 12.43 21.96 5.14
N THR B 254 12.62 21.16 6.19
CA THR B 254 12.93 21.72 7.50
C THR B 254 14.36 21.38 7.89
N CYS B 255 15.09 22.35 8.44
CA CYS B 255 16.43 22.15 8.96
C CYS B 255 16.45 22.60 10.41
N LEU B 256 17.03 21.80 11.29
CA LEU B 256 17.17 22.13 12.70
C LEU B 256 18.65 22.28 13.02
N ARG B 257 19.05 23.42 13.57
CA ARG B 257 20.42 23.55 14.05
C ARG B 257 20.44 23.10 15.51
N TRP B 258 21.32 22.13 15.81
CA TRP B 258 21.28 21.45 17.10
C TRP B 258 21.75 22.37 18.23
N GLU B 259 22.73 23.23 17.97
CA GLU B 259 23.36 23.94 19.08
C GLU B 259 22.37 24.85 19.80
N ASP B 260 21.51 25.53 19.04
CA ASP B 260 20.51 26.43 19.62
C ASP B 260 19.07 26.00 19.35
N LYS B 261 18.87 24.81 18.78
CA LYS B 261 17.55 24.33 18.40
C LYS B 261 16.80 25.35 17.55
N GLN B 262 17.53 25.97 16.62
CA GLN B 262 16.92 26.97 15.75
C GLN B 262 16.44 26.27 14.48
N TYR B 263 15.17 26.48 14.12
CA TYR B 263 14.62 25.91 12.90
C TYR B 263 14.74 26.88 11.73
N PHE B 264 14.97 26.32 10.55
CA PHE B 264 14.98 27.03 9.28
C PHE B 264 14.11 26.26 8.31
N VAL B 265 13.33 26.96 7.50
CA VAL B 265 12.36 26.30 6.63
C VAL B 265 12.53 26.82 5.20
N GLN B 266 12.47 25.90 4.24
CA GLN B 266 12.53 26.24 2.83
C GLN B 266 11.22 25.81 2.17
N PRO B 267 10.40 26.73 1.67
CA PRO B 267 9.17 26.34 0.99
C PRO B 267 9.43 25.44 -0.21
N SER B 268 8.53 24.49 -0.43
CA SER B 268 8.59 23.66 -1.62
C SER B 268 8.49 24.51 -2.89
N ASN B 269 9.28 24.16 -3.90
CA ASN B 269 9.14 24.76 -5.22
C ASN B 269 7.95 24.21 -5.98
N ARG B 270 7.44 23.05 -5.55
CA ARG B 270 6.36 22.35 -6.23
C ARG B 270 5.04 23.04 -5.97
C1E A1L89 C . -3.52 2.33 -4.46
C2A A1L89 C . -2.14 5.26 -7.54
C2E A1L89 C . -3.91 2.26 -2.97
C3E A1L89 C . -3.71 0.77 -2.60
C4A A1L89 C . -3.72 4.21 -6.12
C4E A1L89 C . -3.60 0.03 -3.95
C5A A1L89 C . -4.71 5.03 -6.59
C5E A1L89 C . -4.77 -0.95 -4.13
C6A A1L89 C . -4.39 5.99 -7.57
C8A A1L89 C . -5.60 3.68 -5.11
N1A A1L89 C . -3.10 6.09 -8.03
N3A A1L89 C . -2.45 4.34 -6.60
N6A A1L89 C . -5.34 6.83 -8.06
N7A A1L89 C . -5.87 4.68 -5.95
N9A A1L89 C . -4.27 3.38 -5.19
O1A A1L89 C . -6.80 -0.25 -6.09
O1B A1L89 C . -9.32 -2.26 -2.66
O1D A1L89 C . -4.76 -6.46 -6.10
O1G A1L89 C . -4.20 -3.18 -2.62
O2A A1L89 C . -8.37 0.38 -4.23
O2B A1L89 C . -8.54 -4.31 -3.87
O2D A1L89 C . -3.78 -6.64 -3.80
O2E A1L89 C . -3.12 3.11 -2.14
O2G A1L89 C . -5.33 -5.15 -1.71
O3A A1L89 C . -7.69 -2.08 -4.63
O3B A1L89 C . -6.82 -3.16 -2.39
O3E A1L89 C . -2.55 0.60 -1.81
O3G A1L89 C . -5.53 -4.77 -4.20
O4E A1L89 C . -3.73 1.03 -4.99
O5E A1L89 C . -6.00 -0.30 -3.75
O5F A1L89 C . -6.11 -7.24 -4.15
PA A1L89 C . -7.22 -0.50 -4.66
PB A1L89 C . -8.16 -2.96 -3.33
PD A1L89 C . -5.04 -6.29 -4.62
PG A1L89 C . -5.44 -4.04 -2.72
MN MN D . -11.34 -2.13 -3.86
MG MG E . -11.41 -2.31 -3.98
MN MN F . -10.24 -5.11 -4.98
N1 EPE G . 8.61 -7.82 -5.06
C2 EPE G . 8.67 -9.10 -5.80
C3 EPE G . 8.55 -10.26 -4.81
N4 EPE G . 9.47 -10.14 -3.69
C5 EPE G . 9.62 -8.83 -3.10
C6 EPE G . 9.74 -7.73 -4.13
C7 EPE G . 9.45 -11.24 -2.73
C8 EPE G . 9.34 -12.61 -3.39
O8 EPE G . 10.47 -12.83 -4.22
C9 EPE G . 8.77 -6.75 -6.05
C10 EPE G . 7.40 -6.36 -6.58
S EPE G . 7.52 -4.80 -7.47
O1S EPE G . 8.54 -4.98 -8.48
O2S EPE G . 6.26 -4.53 -8.18
O3S EPE G . 7.81 -3.75 -6.50
C1E A1L89 H . 0.34 10.36 2.60
C2A A1L89 H . -2.04 13.46 5.05
C2E A1L89 H . 0.88 10.32 1.16
C3E A1L89 H . 1.52 8.93 1.00
C4A A1L89 H . -0.22 12.55 3.86
C4E A1L89 H . 1.65 8.40 2.44
C5A A1L89 H . 0.48 13.70 4.08
C5E A1L89 H . 3.14 8.16 2.79
C6A A1L89 H . -0.09 14.75 4.80
C8A A1L89 H . 1.77 12.36 2.92
N1A A1L89 H . -1.36 14.62 5.27
N3A A1L89 H . -1.49 12.45 4.35
N6A A1L89 H . 0.61 15.89 5.02
N7A A1L89 H . 1.72 13.56 3.49
N9A A1L89 H . 0.60 11.71 3.15
O1A A1L89 H . 5.78 10.97 2.78
O1B A1L89 H . 7.93 8.80 1.68
O1D A1L89 H . 5.38 3.47 5.87
O1G A1L89 H . 3.81 5.58 2.03
O2A A1L89 H . 4.53 10.01 4.72
O2B A1L89 H . 8.03 6.81 3.23
O2D A1L89 H . 5.04 2.60 3.61
O2E A1L89 H . -0.20 10.49 0.24
O2G A1L89 H . 5.76 4.30 1.37
O3A A1L89 H . 6.23 8.57 3.59
O3B A1L89 H . 6.12 6.82 1.65
O3E A1L89 H . 0.74 8.06 0.16
O3G A1L89 H . 5.62 5.09 3.78
O4E A1L89 H . 1.11 9.39 3.32
O5E A1L89 H . 3.99 9.26 2.41
O5F A1L89 H . 7.33 3.21 4.32
PA A1L89 H . 5.11 9.74 3.36
PB A1L89 H . 7.15 7.78 2.48
PD A1L89 H . 5.86 3.60 4.45
PG A1L89 H . 5.31 5.46 2.20
MN MN I . 9.62 10.05 2.98
MG MG J . 9.59 10.08 2.99
MN MN K . 9.81 7.18 4.56
#